data_4GZN
#
_entry.id   4GZN
#
_cell.length_a   40.218
_cell.length_b   60.641
_cell.length_c   96.119
_cell.angle_alpha   90.00
_cell.angle_beta   90.00
_cell.angle_gamma   90.00
#
_symmetry.space_group_name_H-M   'C 2 2 21'
#
loop_
_entity.id
_entity.type
_entity.pdbx_description
1 polymer "DNA (5'-D(*TP*AP*TP*TP*GP*CP*(5CM)P*GP*CP*AP*G)-3')"
2 polymer "DNA (5'-D(*AP*CP*TP*GP*(5CM)P*GP*GP*CP*AP*AP*T)-3')"
3 polymer 'Zinc finger protein 57'
4 non-polymer 'CALCIUM ION'
5 non-polymer (4S)-2-METHYL-2,4-PENTANEDIOL
6 non-polymer 'ZINC ION'
7 non-polymer 'ACETATE ION'
8 water water
#
loop_
_entity_poly.entity_id
_entity_poly.type
_entity_poly.pdbx_seq_one_letter_code
_entity_poly.pdbx_strand_id
1 'polydeoxyribonucleotide' (DT)(DA)(DT)(DT)(DG)(DC)(5CM)(DG)(DC)(DA)(DG) A
2 'polydeoxyribonucleotide' (DA)(DC)(DT)(DG)(5CM)(DG)(DG)(DC)(DA)(DA)(DT) B
3 'polypeptide(L)' SERPFFCNFCGKTYRDASGLSRHRRAHLGYRPRSCPECGKCFRDQSEVNRHLKVHQNKPA C
#
# COMPACT_ATOMS: atom_id res chain seq x y z
N SER C 1 17.01 -12.72 -12.03
CA SER C 1 16.05 -13.60 -11.39
C SER C 1 16.24 -13.65 -9.88
N GLU C 2 17.27 -12.96 -9.40
CA GLU C 2 17.60 -12.97 -7.99
C GLU C 2 16.55 -12.20 -7.18
N ARG C 3 16.18 -12.76 -6.04
CA ARG C 3 15.27 -12.10 -5.10
C ARG C 3 15.93 -12.07 -3.73
N PRO C 4 16.90 -11.18 -3.54
CA PRO C 4 17.75 -11.27 -2.35
C PRO C 4 17.20 -10.52 -1.13
N PHE C 5 16.12 -9.77 -1.31
CA PHE C 5 15.52 -9.03 -0.21
C PHE C 5 14.43 -9.90 0.38
N PHE C 6 14.35 -10.00 1.71
CA PHE C 6 13.32 -10.85 2.30
C PHE C 6 12.83 -10.37 3.65
N CYS C 7 11.61 -10.80 3.93
CA CYS C 7 10.91 -10.48 5.16
C CYS C 7 11.36 -11.33 6.33
N ASN C 8 11.65 -10.71 7.47
CA ASN C 8 12.13 -11.44 8.64
C ASN C 8 11.03 -12.09 9.47
N PHE C 9 9.79 -12.03 9.05
N PHE C 9 9.76 -11.70 9.12
CA PHE C 9 8.83 -12.75 9.83
CA PHE C 9 8.44 -12.21 9.62
C PHE C 9 8.15 -13.84 9.01
C PHE C 9 8.18 -13.63 9.02
N CYS C 10 8.16 -13.70 7.68
CA CYS C 10 7.56 -14.78 6.88
C CYS C 10 8.41 -15.24 5.71
N GLY C 11 9.56 -14.59 5.50
CA GLY C 11 10.50 -15.05 4.48
C GLY C 11 10.15 -14.69 3.05
N LYS C 12 9.06 -13.97 2.80
CA LYS C 12 8.74 -13.60 1.42
CA LYS C 12 8.72 -13.58 1.44
C LYS C 12 9.87 -12.79 0.83
N THR C 13 10.20 -13.11 -0.42
CA THR C 13 11.34 -12.52 -1.09
C THR C 13 10.93 -11.52 -2.17
N TYR C 14 11.86 -10.61 -2.48
CA TYR C 14 11.63 -9.48 -3.38
C TYR C 14 12.85 -9.22 -4.26
N ARG C 15 12.57 -8.72 -5.45
CA ARG C 15 13.60 -8.33 -6.41
C ARG C 15 14.39 -7.12 -5.95
N ASP C 16 13.76 -6.23 -5.21
CA ASP C 16 14.39 -4.98 -4.80
C ASP C 16 13.80 -4.52 -3.47
N ALA C 17 14.39 -3.48 -2.89
CA ALA C 17 14.03 -3.04 -1.55
C ALA C 17 12.62 -2.47 -1.47
N SER C 18 12.10 -2.00 -2.60
CA SER C 18 10.77 -1.38 -2.57
C SER C 18 9.65 -2.36 -2.24
N GLY C 19 9.69 -3.54 -2.85
CA GLY C 19 8.66 -4.52 -2.58
C GLY C 19 8.69 -4.95 -1.13
N LEU C 20 9.89 -5.09 -0.60
CA LEU C 20 10.08 -5.46 0.80
C LEU C 20 9.58 -4.36 1.74
N SER C 21 9.90 -3.10 1.42
CA SER C 21 9.43 -1.98 2.22
C SER C 21 7.92 -2.00 2.35
N ARG C 22 7.26 -2.19 1.22
CA ARG C 22 5.81 -2.20 1.20
C ARG C 22 5.25 -3.42 1.96
N HIS C 23 5.87 -4.57 1.79
CA HIS C 23 5.41 -5.78 2.45
C HIS C 23 5.55 -5.66 3.97
N ARG C 24 6.70 -5.17 4.44
CA ARG C 24 6.90 -4.96 5.87
C ARG C 24 5.84 -4.03 6.44
N ARG C 25 5.60 -2.92 5.75
CA ARG C 25 4.60 -1.98 6.22
C ARG C 25 3.20 -2.57 6.22
N ALA C 26 2.91 -3.46 5.27
CA ALA C 26 1.62 -4.14 5.24
C ALA C 26 1.46 -5.04 6.49
N HIS C 27 2.51 -5.78 6.87
CA HIS C 27 2.42 -6.53 8.12
C HIS C 27 2.15 -5.59 9.30
N LEU C 28 2.77 -4.40 9.31
CA LEU C 28 2.61 -3.46 10.41
C LEU C 28 1.27 -2.73 10.40
N GLY C 29 0.55 -2.79 9.29
CA GLY C 29 -0.64 -1.97 9.12
C GLY C 29 -0.34 -0.48 9.00
N TYR C 30 0.85 -0.15 8.49
CA TYR C 30 1.26 1.24 8.37
C TYR C 30 0.72 1.82 7.06
N ARG C 31 -0.37 2.58 7.20
CA ARG C 31 -1.13 3.12 6.08
C ARG C 31 -1.38 4.60 6.40
N PRO C 32 -0.35 5.43 6.17
CA PRO C 32 -0.37 6.78 6.73
C PRO C 32 -1.12 7.82 5.91
N ARG C 33 -1.55 7.48 4.70
CA ARG C 33 -2.23 8.43 3.83
C ARG C 33 -3.71 8.09 3.74
N SER C 34 -4.58 9.06 3.92
CA SER C 34 -5.99 8.76 3.92
C SER C 34 -6.76 9.50 2.84
N CYS C 35 -7.86 8.89 2.43
CA CYS C 35 -8.79 9.55 1.54
C CYS C 35 -9.47 10.70 2.29
N PRO C 36 -9.41 11.92 1.73
CA PRO C 36 -10.04 13.04 2.45
C PRO C 36 -11.56 12.96 2.39
N GLU C 37 -12.09 12.22 1.44
CA GLU C 37 -13.54 12.08 1.33
CA GLU C 37 -13.53 12.11 1.35
C GLU C 37 -14.10 11.17 2.42
N CYS C 38 -13.55 9.96 2.53
CA CYS C 38 -14.14 8.92 3.39
C CYS C 38 -13.27 8.47 4.56
N GLY C 39 -12.02 8.90 4.58
CA GLY C 39 -11.13 8.55 5.68
C GLY C 39 -10.39 7.23 5.53
N LYS C 40 -10.69 6.45 4.49
CA LYS C 40 -10.02 5.17 4.34
CA LYS C 40 -10.03 5.17 4.30
C LYS C 40 -8.52 5.37 4.14
N CYS C 41 -7.73 4.56 4.83
CA CYS C 41 -6.28 4.70 4.81
CA CYS C 41 -6.28 4.70 4.82
C CYS C 41 -5.62 3.77 3.81
N PHE C 42 -4.51 4.25 3.25
CA PHE C 42 -3.72 3.53 2.25
C PHE C 42 -2.24 3.74 2.51
N ARG C 43 -1.43 2.95 1.83
CA ARG C 43 0.00 2.95 2.10
C ARG C 43 0.70 4.22 1.64
N ASP C 44 0.16 4.88 0.61
CA ASP C 44 0.82 6.03 0.00
C ASP C 44 -0.22 6.86 -0.75
N GLN C 45 0.21 8.05 -1.18
CA GLN C 45 -0.71 8.98 -1.81
C GLN C 45 -1.18 8.45 -3.16
N SER C 46 -0.33 7.74 -3.89
CA SER C 46 -0.73 7.13 -5.17
CA SER C 46 -0.81 7.25 -5.17
CA SER C 46 -0.71 7.14 -5.17
C SER C 46 -1.92 6.21 -5.02
N GLU C 47 -1.90 5.41 -3.96
CA GLU C 47 -3.01 4.49 -3.69
CA GLU C 47 -3.00 4.49 -3.75
C GLU C 47 -4.26 5.24 -3.30
N VAL C 48 -4.11 6.30 -2.48
CA VAL C 48 -5.28 7.15 -2.20
C VAL C 48 -5.86 7.68 -3.52
N ASN C 49 -5.00 8.21 -4.38
CA ASN C 49 -5.45 8.83 -5.61
C ASN C 49 -6.21 7.85 -6.48
N ARG C 50 -5.73 6.62 -6.56
CA ARG C 50 -6.40 5.59 -7.35
C ARG C 50 -7.77 5.25 -6.77
N HIS C 51 -7.87 5.27 -5.44
CA HIS C 51 -9.12 4.99 -4.73
C HIS C 51 -10.21 6.06 -4.97
N LEU C 52 -9.81 7.31 -5.22
CA LEU C 52 -10.76 8.41 -5.19
C LEU C 52 -11.97 8.19 -6.09
N LYS C 53 -11.78 7.53 -7.22
CA LYS C 53 -12.87 7.36 -8.19
C LYS C 53 -14.05 6.61 -7.63
N VAL C 54 -13.89 5.89 -6.51
CA VAL C 54 -15.02 5.32 -5.78
CA VAL C 54 -15.07 5.30 -5.91
C VAL C 54 -16.12 6.36 -5.57
N HIS C 55 -15.71 7.61 -5.37
CA HIS C 55 -16.63 8.67 -4.99
C HIS C 55 -17.26 9.42 -6.15
N GLN C 56 -16.93 9.02 -7.38
CA GLN C 56 -17.66 9.52 -8.55
C GLN C 56 -19.04 8.92 -8.60
N ASN C 57 -19.98 9.65 -9.19
CA ASN C 57 -21.30 9.12 -9.45
C ASN C 57 -21.22 8.22 -10.66
N LYS C 58 -21.71 6.99 -10.50
CA LYS C 58 -21.53 5.94 -11.49
C LYS C 58 -22.46 6.16 -12.67
N PRO C 59 -22.00 5.77 -13.87
CA PRO C 59 -22.79 5.93 -15.09
C PRO C 59 -24.08 5.10 -15.04
#